data_4Q3Y
#
_entry.id   4Q3Y
#
_cell.length_a   36.982
_cell.length_b   38.672
_cell.length_c   47.853
_cell.angle_alpha   76.68
_cell.angle_beta   72.81
_cell.angle_gamma   85.54
#
_symmetry.space_group_name_H-M   'P 1'
#
loop_
_entity.id
_entity.type
_entity.pdbx_description
1 polymer Phenylalanine-4-hydroxylase
2 non-polymer 'COBALT (II) ION'
3 water water
#
_entity_poly.entity_id   1
_entity_poly.type   'polypeptide(L)'
_entity_poly.pdbx_seq_one_letter_code
;MNDRADFVVPDITTRKNVGLSHDANDFTLPQPLDRYSAEDHATWATLYQRQCKLLPGRACDEFLEGLERLEVDADRVPDF
NKLNEKLMAATGWKIVAVPGLIPDDVFFEHLANRRFPVTWWLREPHQLDYLQEPDVFHALFGHVPLLINPVFADYLEAYG
KGGVKAKALGALPMLARLYWYTVEFGLINTPAGMRIYGAGILSSKSESIYCLDSASPNRVGFDLMRIMNTRYRIDTFQKT
YFVIDSFKQLFDATAPDFAPLYLQLADAQPWGAGDIAPDDLVLNAGDRQGWADTEDV
;
_entity_poly.pdbx_strand_id   A
#
loop_
_chem_comp.id
_chem_comp.type
_chem_comp.name
_chem_comp.formula
CO non-polymer 'COBALT (II) ION' 'Co 2'
#
# COMPACT_ATOMS: atom_id res chain seq x y z
N PHE A 7 -26.32 -4.05 -19.52
CA PHE A 7 -26.60 -4.78 -18.25
C PHE A 7 -25.58 -4.47 -17.15
N VAL A 8 -26.07 -4.41 -15.92
CA VAL A 8 -25.23 -4.25 -14.74
C VAL A 8 -25.26 -5.56 -13.97
N VAL A 9 -24.07 -6.10 -13.67
CA VAL A 9 -23.99 -7.32 -12.87
C VAL A 9 -23.22 -7.02 -11.60
N PRO A 10 -23.48 -7.78 -10.51
CA PRO A 10 -22.76 -7.53 -9.26
C PRO A 10 -21.25 -7.69 -9.40
N ASP A 11 -20.50 -6.77 -8.79
CA ASP A 11 -19.04 -6.82 -8.84
C ASP A 11 -18.49 -7.89 -7.89
N ILE A 12 -17.19 -8.11 -7.95
CA ILE A 12 -16.57 -9.17 -7.16
C ILE A 12 -16.73 -8.97 -5.65
N THR A 13 -16.64 -7.72 -5.19
CA THR A 13 -16.81 -7.42 -3.77
C THR A 13 -18.19 -7.87 -3.29
N THR A 14 -19.23 -7.52 -4.06
CA THR A 14 -20.60 -7.88 -3.76
C THR A 14 -20.76 -9.40 -3.75
N ARG A 15 -20.29 -10.05 -4.81
CA ARG A 15 -20.43 -11.50 -4.94
C ARG A 15 -19.72 -12.26 -3.82
N LYS A 16 -18.49 -11.84 -3.50
CA LYS A 16 -17.71 -12.54 -2.46
C LYS A 16 -18.31 -12.39 -1.08
N ASN A 17 -18.92 -11.24 -0.81
CA ASN A 17 -19.44 -10.96 0.52
C ASN A 17 -20.89 -11.36 0.76
N VAL A 18 -21.49 -12.05 -0.20
CA VAL A 18 -22.87 -12.54 -0.01
C VAL A 18 -22.96 -13.36 1.27
N GLY A 19 -23.94 -13.05 2.11
CA GLY A 19 -24.14 -13.77 3.36
C GLY A 19 -23.21 -13.39 4.50
N LEU A 20 -22.34 -12.41 4.28
CA LEU A 20 -21.43 -11.92 5.30
C LEU A 20 -21.83 -10.52 5.73
N SER A 21 -21.29 -10.10 6.87
CA SER A 21 -21.58 -8.79 7.44
C SER A 21 -20.29 -8.03 7.69
N HIS A 22 -20.43 -6.75 8.02
CA HIS A 22 -19.31 -5.90 8.41
C HIS A 22 -19.78 -4.87 9.41
N ASP A 23 -18.90 -4.50 10.33
CA ASP A 23 -19.18 -3.38 11.24
C ASP A 23 -19.60 -2.14 10.46
N ALA A 24 -20.71 -1.53 10.87
CA ALA A 24 -21.24 -0.34 10.18
C ALA A 24 -20.37 0.89 10.40
N ASN A 25 -19.52 0.84 11.42
CA ASN A 25 -18.61 1.94 11.77
C ASN A 25 -17.15 1.72 11.33
N ASP A 26 -16.58 0.55 11.65
CA ASP A 26 -15.17 0.28 11.33
C ASP A 26 -14.95 -0.77 10.23
N PHE A 27 -16.05 -1.36 9.77
CA PHE A 27 -16.07 -2.18 8.56
C PHE A 27 -15.29 -3.49 8.63
N THR A 28 -14.93 -3.90 9.84
CA THR A 28 -14.24 -5.17 10.00
C THR A 28 -15.22 -6.35 10.09
N LEU A 29 -14.69 -7.53 9.78
CA LEU A 29 -15.38 -8.80 9.99
C LEU A 29 -14.34 -9.86 10.34
N PRO A 30 -14.76 -10.96 11.00
CA PRO A 30 -13.82 -12.08 11.17
C PRO A 30 -13.44 -12.66 9.80
N GLN A 31 -12.17 -13.01 9.60
CA GLN A 31 -11.74 -13.61 8.34
C GLN A 31 -12.57 -14.86 8.05
N PRO A 32 -13.28 -14.90 6.89
CA PRO A 32 -14.14 -16.05 6.61
C PRO A 32 -13.40 -17.24 5.99
N LEU A 33 -12.69 -17.98 6.85
CA LEU A 33 -11.82 -19.10 6.45
C LEU A 33 -12.50 -20.16 5.59
N ASP A 34 -13.78 -20.42 5.86
CA ASP A 34 -14.55 -21.45 5.17
C ASP A 34 -14.86 -21.09 3.72
N ARG A 35 -14.68 -19.82 3.37
CA ARG A 35 -15.00 -19.35 2.02
C ARG A 35 -13.87 -19.52 1.02
N TYR A 36 -12.67 -19.82 1.53
CA TYR A 36 -11.53 -20.08 0.66
C TYR A 36 -11.63 -21.48 0.11
N SER A 37 -11.65 -21.56 -1.21
CA SER A 37 -11.78 -22.83 -1.90
C SER A 37 -10.39 -23.37 -2.21
N ALA A 38 -10.32 -24.62 -2.66
CA ALA A 38 -9.08 -25.18 -3.15
C ALA A 38 -8.50 -24.31 -4.27
N GLU A 39 -9.36 -23.83 -5.17
CA GLU A 39 -8.94 -22.91 -6.23
C GLU A 39 -8.31 -21.64 -5.66
N ASP A 40 -8.86 -21.11 -4.57
CA ASP A 40 -8.30 -19.92 -3.93
C ASP A 40 -6.88 -20.17 -3.43
N HIS A 41 -6.68 -21.27 -2.69
CA HIS A 41 -5.34 -21.58 -2.20
C HIS A 41 -4.36 -21.80 -3.34
N ALA A 42 -4.80 -22.45 -4.41
CA ALA A 42 -3.97 -22.65 -5.58
C ALA A 42 -3.61 -21.35 -6.29
N THR A 43 -4.60 -20.45 -6.40
CA THR A 43 -4.39 -19.13 -6.99
C THR A 43 -3.37 -18.34 -6.17
N TRP A 44 -3.55 -18.35 -4.85
CA TRP A 44 -2.58 -17.71 -3.95
C TRP A 44 -1.19 -18.28 -4.21
N ALA A 45 -1.07 -19.60 -4.21
CA ALA A 45 0.25 -20.24 -4.39
C ALA A 45 0.89 -19.85 -5.73
N THR A 46 0.07 -19.72 -6.76
CA THR A 46 0.56 -19.36 -8.10
C THR A 46 1.08 -17.93 -8.11
N LEU A 47 0.32 -17.02 -7.50
CA LEU A 47 0.72 -15.61 -7.43
C LEU A 47 1.98 -15.46 -6.59
N TYR A 48 2.02 -16.15 -5.45
CA TYR A 48 3.17 -16.08 -4.55
C TYR A 48 4.45 -16.55 -5.29
N GLN A 49 4.35 -17.69 -5.96
CA GLN A 49 5.47 -18.26 -6.71
C GLN A 49 5.92 -17.33 -7.82
N ARG A 50 4.96 -16.75 -8.55
CA ARG A 50 5.26 -15.83 -9.64
C ARG A 50 6.05 -14.62 -9.13
N GLN A 51 5.55 -13.98 -8.08
CA GLN A 51 6.20 -12.78 -7.54
C GLN A 51 7.57 -13.09 -6.94
N CYS A 52 7.66 -14.23 -6.25
CA CYS A 52 8.94 -14.56 -5.62
C CYS A 52 10.04 -14.87 -6.64
N LYS A 53 9.65 -15.29 -7.86
CA LYS A 53 10.63 -15.47 -8.93
C LYS A 53 11.05 -14.13 -9.55
N LEU A 54 10.09 -13.23 -9.70
CA LEU A 54 10.31 -11.91 -10.32
C LEU A 54 11.11 -10.96 -9.43
N LEU A 55 10.83 -10.97 -8.14
CA LEU A 55 11.25 -9.88 -7.26
C LEU A 55 12.70 -9.80 -6.74
N PRO A 56 13.46 -10.91 -6.70
CA PRO A 56 14.85 -10.77 -6.26
C PRO A 56 15.65 -9.76 -7.10
N GLY A 57 16.37 -8.86 -6.44
CA GLY A 57 17.08 -7.78 -7.12
C GLY A 57 16.19 -6.64 -7.61
N ARG A 58 14.91 -6.71 -7.29
CA ARG A 58 13.95 -5.67 -7.65
C ARG A 58 13.27 -5.13 -6.38
N ALA A 59 12.66 -6.03 -5.61
CA ALA A 59 12.12 -5.67 -4.30
C ALA A 59 13.26 -5.24 -3.37
N CYS A 60 12.98 -4.24 -2.52
CA CYS A 60 13.92 -3.90 -1.47
C CYS A 60 14.11 -5.07 -0.53
N ASP A 61 15.29 -5.15 0.07
CA ASP A 61 15.63 -6.30 0.90
C ASP A 61 14.71 -6.46 2.10
N GLU A 62 14.22 -5.33 2.63
CA GLU A 62 13.31 -5.34 3.78
C GLU A 62 11.99 -6.07 3.47
N PHE A 63 11.50 -5.89 2.25
CA PHE A 63 10.29 -6.57 1.84
C PHE A 63 10.46 -8.09 1.88
N LEU A 64 11.51 -8.57 1.21
CA LEU A 64 11.70 -10.02 1.08
C LEU A 64 11.94 -10.67 2.45
N GLU A 65 12.67 -9.96 3.33
CA GLU A 65 12.88 -10.40 4.70
C GLU A 65 11.58 -10.45 5.50
N GLY A 66 10.71 -9.46 5.32
CA GLY A 66 9.40 -9.42 5.98
C GLY A 66 8.52 -10.61 5.65
N LEU A 67 8.51 -11.03 4.39
CA LEU A 67 7.79 -12.25 3.99
C LEU A 67 8.22 -13.45 4.82
N GLU A 68 9.53 -13.61 4.97
CA GLU A 68 10.05 -14.75 5.69
C GLU A 68 9.82 -14.64 7.20
N ARG A 69 10.09 -13.47 7.77
CA ARG A 69 9.92 -13.26 9.21
C ARG A 69 8.47 -13.39 9.69
N LEU A 70 7.51 -13.03 8.82
CA LEU A 70 6.10 -13.15 9.16
C LEU A 70 5.53 -14.51 8.79
N GLU A 71 6.36 -15.35 8.15
CA GLU A 71 5.97 -16.70 7.74
C GLU A 71 4.73 -16.65 6.85
N VAL A 72 4.71 -15.71 5.90
CA VAL A 72 3.58 -15.57 4.98
C VAL A 72 3.52 -16.88 4.18
N ASP A 73 2.38 -17.58 4.26
CA ASP A 73 2.24 -18.90 3.62
C ASP A 73 2.49 -18.82 2.12
N ALA A 74 3.28 -19.76 1.61
CA ALA A 74 3.54 -19.85 0.18
C ALA A 74 2.44 -20.63 -0.53
N ASP A 75 1.73 -21.48 0.20
CA ASP A 75 0.87 -22.49 -0.43
C ASP A 75 -0.64 -22.34 -0.19
N ARG A 76 -1.03 -21.31 0.54
CA ARG A 76 -2.45 -21.10 0.86
C ARG A 76 -2.67 -19.67 1.29
N VAL A 77 -3.93 -19.21 1.24
CA VAL A 77 -4.27 -17.90 1.79
C VAL A 77 -3.96 -17.94 3.29
N PRO A 78 -3.14 -16.98 3.78
CA PRO A 78 -2.75 -16.99 5.19
C PRO A 78 -3.91 -16.82 6.17
N ASP A 79 -3.77 -17.46 7.32
CA ASP A 79 -4.65 -17.23 8.44
C ASP A 79 -4.20 -15.95 9.14
N PHE A 80 -5.09 -14.95 9.16
CA PHE A 80 -4.75 -13.61 9.68
C PHE A 80 -4.35 -13.65 11.14
N ASN A 81 -5.07 -14.43 11.94
CA ASN A 81 -4.74 -14.55 13.37
C ASN A 81 -3.33 -15.07 13.58
N LYS A 82 -2.95 -16.07 12.77
CA LYS A 82 -1.62 -16.66 12.88
C LYS A 82 -0.53 -15.68 12.48
N LEU A 83 -0.76 -14.93 11.40
CA LEU A 83 0.21 -13.89 11.00
C LEU A 83 0.34 -12.81 12.09
N ASN A 84 -0.78 -12.46 12.71
CA ASN A 84 -0.79 -11.43 13.76
C ASN A 84 0.11 -11.75 14.95
N GLU A 85 0.27 -13.03 15.27
CA GLU A 85 1.16 -13.42 16.35
C GLU A 85 2.59 -12.90 16.14
N LYS A 86 3.08 -12.98 14.91
CA LYS A 86 4.42 -12.52 14.57
C LYS A 86 4.47 -11.00 14.41
N LEU A 87 3.45 -10.44 13.76
CA LEU A 87 3.40 -9.01 13.53
C LEU A 87 3.33 -8.22 14.84
N MET A 88 2.48 -8.68 15.76
CA MET A 88 2.30 -8.01 17.05
C MET A 88 3.60 -7.99 17.84
N ALA A 89 4.30 -9.13 17.85
CA ALA A 89 5.58 -9.24 18.57
C ALA A 89 6.65 -8.32 17.98
N ALA A 90 6.64 -8.11 16.67
CA ALA A 90 7.63 -7.27 16.00
C ALA A 90 7.42 -5.77 16.20
N THR A 91 6.21 -5.28 15.90
CA THR A 91 5.95 -3.84 15.92
C THR A 91 4.65 -3.44 16.59
N GLY A 92 3.94 -4.40 17.19
CA GLY A 92 2.65 -4.09 17.83
C GLY A 92 1.53 -3.80 16.85
N TRP A 93 1.74 -4.13 15.58
CA TRP A 93 0.70 -4.00 14.56
C TRP A 93 -0.08 -5.30 14.41
N LYS A 94 -1.28 -5.18 13.85
CA LYS A 94 -2.06 -6.35 13.45
C LYS A 94 -2.82 -6.03 12.17
N ILE A 95 -3.19 -7.08 11.45
CA ILE A 95 -4.10 -6.93 10.31
C ILE A 95 -5.53 -7.28 10.72
N VAL A 96 -6.49 -6.61 10.09
CA VAL A 96 -7.90 -6.88 10.30
C VAL A 96 -8.58 -7.07 8.95
N ALA A 97 -9.54 -8.00 8.89
CA ALA A 97 -10.23 -8.26 7.63
C ALA A 97 -11.31 -7.24 7.37
N VAL A 98 -11.40 -6.79 6.13
CA VAL A 98 -12.48 -5.91 5.68
C VAL A 98 -13.07 -6.49 4.38
N PRO A 99 -14.28 -6.05 4.00
CA PRO A 99 -14.94 -6.68 2.84
C PRO A 99 -14.37 -6.30 1.48
N GLY A 100 -13.59 -5.22 1.44
CA GLY A 100 -13.13 -4.61 0.21
C GLY A 100 -12.86 -3.16 0.53
N LEU A 101 -13.11 -2.26 -0.42
CA LEU A 101 -12.97 -0.81 -0.19
C LEU A 101 -13.78 -0.34 1.01
N ILE A 102 -13.15 0.46 1.88
CA ILE A 102 -13.82 1.03 3.07
C ILE A 102 -13.74 2.56 3.07
N PRO A 103 -14.59 3.24 3.87
CA PRO A 103 -14.51 4.70 3.99
C PRO A 103 -13.16 5.18 4.52
N ASP A 104 -12.74 6.36 4.05
CA ASP A 104 -11.44 6.91 4.43
C ASP A 104 -11.25 7.12 5.93
N ASP A 105 -12.19 7.78 6.61
CA ASP A 105 -12.03 8.00 8.06
C ASP A 105 -11.83 6.67 8.82
N VAL A 106 -12.50 5.63 8.35
CA VAL A 106 -12.36 4.28 8.89
C VAL A 106 -10.94 3.73 8.65
N PHE A 107 -10.49 3.83 7.40
CA PHE A 107 -9.13 3.40 7.03
C PHE A 107 -8.08 4.10 7.89
N PHE A 108 -8.18 5.43 7.99
CA PHE A 108 -7.23 6.22 8.77
C PHE A 108 -7.25 5.86 10.24
N GLU A 109 -8.44 5.68 10.80
CA GLU A 109 -8.58 5.32 12.20
C GLU A 109 -7.88 3.99 12.45
N HIS A 110 -8.00 3.05 11.51
CA HIS A 110 -7.28 1.80 11.64
C HIS A 110 -5.76 2.01 11.71
N LEU A 111 -5.19 2.69 10.73
CA LEU A 111 -3.74 2.88 10.70
C LEU A 111 -3.27 3.67 11.93
N ALA A 112 -4.06 4.65 12.36
CA ALA A 112 -3.74 5.45 13.56
C ALA A 112 -3.61 4.57 14.80
N ASN A 113 -4.30 3.43 14.79
CA ASN A 113 -4.31 2.48 15.89
C ASN A 113 -3.55 1.20 15.60
N ARG A 114 -2.66 1.28 14.61
CA ARG A 114 -1.77 0.17 14.25
C ARG A 114 -2.54 -1.08 13.83
N ARG A 115 -3.62 -0.86 13.09
CA ARG A 115 -4.38 -1.93 12.45
C ARG A 115 -4.31 -1.71 10.94
N PHE A 116 -3.91 -2.73 10.21
CA PHE A 116 -3.86 -2.61 8.76
C PHE A 116 -5.02 -3.38 8.15
N PRO A 117 -5.97 -2.67 7.50
CA PRO A 117 -7.13 -3.36 6.91
C PRO A 117 -6.78 -4.14 5.64
N VAL A 118 -7.22 -5.39 5.55
CA VAL A 118 -6.86 -6.29 4.45
C VAL A 118 -8.15 -6.90 3.89
N THR A 119 -8.43 -6.63 2.63
CA THR A 119 -9.54 -7.26 1.91
C THR A 119 -9.36 -8.77 2.00
N TRP A 120 -10.41 -9.48 2.40
CA TRP A 120 -10.24 -10.90 2.73
C TRP A 120 -10.26 -11.83 1.52
N TRP A 121 -10.97 -11.44 0.46
CA TRP A 121 -11.20 -12.32 -0.67
C TRP A 121 -10.09 -12.22 -1.71
N LEU A 122 -10.00 -13.26 -2.55
CA LEU A 122 -8.98 -13.37 -3.59
C LEU A 122 -9.57 -13.28 -4.99
N ARG A 123 -8.80 -12.71 -5.92
CA ARG A 123 -9.16 -12.71 -7.35
C ARG A 123 -9.36 -14.15 -7.87
N GLU A 124 -10.10 -14.27 -8.96
CA GLU A 124 -10.25 -15.57 -9.62
C GLU A 124 -9.03 -15.81 -10.53
N PRO A 125 -8.68 -17.08 -10.79
CA PRO A 125 -7.53 -17.26 -11.68
C PRO A 125 -7.92 -17.04 -13.14
N PRO A 134 -8.35 -4.26 -5.48
CA PRO A 134 -7.32 -4.82 -4.60
C PRO A 134 -7.87 -6.00 -3.79
N ASP A 135 -7.14 -7.11 -3.82
CA ASP A 135 -7.61 -8.30 -3.14
C ASP A 135 -6.66 -8.70 -2.01
N VAL A 136 -6.86 -9.89 -1.45
CA VAL A 136 -6.05 -10.34 -0.32
C VAL A 136 -4.58 -10.57 -0.70
N PHE A 137 -4.32 -10.90 -1.96
CA PHE A 137 -2.93 -11.08 -2.38
C PHE A 137 -2.23 -9.72 -2.41
N HIS A 138 -2.85 -8.75 -3.07
CA HIS A 138 -2.30 -7.40 -3.03
C HIS A 138 -2.12 -6.88 -1.60
N ALA A 139 -3.15 -7.01 -0.78
CA ALA A 139 -3.10 -6.48 0.57
C ALA A 139 -2.07 -7.21 1.44
N LEU A 140 -2.16 -8.53 1.48
CA LEU A 140 -1.26 -9.25 2.37
C LEU A 140 0.16 -9.32 1.82
N PHE A 141 0.33 -9.85 0.61
CA PHE A 141 1.65 -10.03 0.05
C PHE A 141 2.30 -8.67 -0.25
N GLY A 142 1.54 -7.75 -0.82
CA GLY A 142 2.09 -6.45 -1.21
C GLY A 142 2.35 -5.49 -0.05
N HIS A 143 1.39 -5.34 0.86
CA HIS A 143 1.46 -4.30 1.89
C HIS A 143 2.04 -4.73 3.23
N VAL A 144 1.78 -5.96 3.63
CA VAL A 144 2.01 -6.37 5.02
C VAL A 144 3.49 -6.64 5.39
N PRO A 145 4.29 -7.22 4.47
CA PRO A 145 5.65 -7.51 4.92
C PRO A 145 6.45 -6.34 5.49
N LEU A 146 6.24 -5.12 5.00
CA LEU A 146 7.00 -3.98 5.54
C LEU A 146 6.53 -3.52 6.93
N LEU A 147 5.40 -4.04 7.39
CA LEU A 147 4.90 -3.67 8.72
C LEU A 147 5.76 -4.21 9.85
N ILE A 148 6.69 -5.11 9.51
CA ILE A 148 7.67 -5.64 10.47
C ILE A 148 8.83 -4.67 10.64
N ASN A 149 8.96 -3.70 9.73
CA ASN A 149 9.98 -2.67 9.83
C ASN A 149 9.48 -1.55 10.73
N PRO A 150 10.18 -1.29 11.86
CA PRO A 150 9.66 -0.32 12.82
C PRO A 150 9.51 1.11 12.27
N VAL A 151 10.39 1.51 11.36
CA VAL A 151 10.35 2.86 10.80
C VAL A 151 9.18 2.98 9.83
N PHE A 152 9.03 1.99 8.96
CA PHE A 152 7.90 1.99 8.05
C PHE A 152 6.57 1.92 8.80
N ALA A 153 6.51 1.06 9.81
CA ALA A 153 5.30 0.95 10.62
C ALA A 153 4.93 2.29 11.29
N ASP A 154 5.94 2.97 11.82
CA ASP A 154 5.72 4.29 12.42
C ASP A 154 5.25 5.33 11.41
N TYR A 155 5.74 5.25 10.17
CA TYR A 155 5.26 6.12 9.12
C TYR A 155 3.77 5.89 8.88
N LEU A 156 3.36 4.62 8.77
CA LEU A 156 1.94 4.33 8.55
C LEU A 156 1.06 4.80 9.69
N GLU A 157 1.53 4.62 10.93
CA GLU A 157 0.78 5.10 12.09
C GLU A 157 0.63 6.62 12.04
N ALA A 158 1.73 7.31 11.76
CA ALA A 158 1.70 8.77 11.69
C ALA A 158 0.78 9.24 10.56
N TYR A 159 0.86 8.56 9.42
CA TYR A 159 -0.07 8.82 8.31
C TYR A 159 -1.53 8.70 8.75
N GLY A 160 -1.86 7.58 9.38
CA GLY A 160 -3.22 7.36 9.90
C GLY A 160 -3.68 8.47 10.82
N LYS A 161 -2.79 8.91 11.72
CA LYS A 161 -3.11 9.94 12.71
C LYS A 161 -3.46 11.27 12.03
N GLY A 162 -2.91 11.50 10.85
CA GLY A 162 -3.18 12.70 10.07
C GLY A 162 -4.57 12.76 9.44
N GLY A 163 -5.29 11.65 9.45
CA GLY A 163 -6.61 11.58 8.83
C GLY A 163 -7.65 12.53 9.37
N VAL A 164 -7.63 12.72 10.69
CA VAL A 164 -8.60 13.58 11.38
C VAL A 164 -8.51 15.05 10.90
N LYS A 165 -7.30 15.60 10.94
CA LYS A 165 -7.04 16.96 10.48
C LYS A 165 -7.35 17.09 8.98
N ALA A 166 -6.91 16.11 8.20
CA ALA A 166 -7.15 16.15 6.76
C ALA A 166 -8.64 16.16 6.43
N LYS A 167 -9.41 15.29 7.09
CA LYS A 167 -10.84 15.26 6.84
C LYS A 167 -11.50 16.59 7.20
N ALA A 168 -11.11 17.16 8.33
CA ALA A 168 -11.65 18.43 8.80
C ALA A 168 -11.41 19.58 7.81
N LEU A 169 -10.34 19.45 7.03
CA LEU A 169 -9.91 20.49 6.10
C LEU A 169 -10.22 20.16 4.63
N GLY A 170 -10.94 19.07 4.39
CA GLY A 170 -11.24 18.65 3.01
C GLY A 170 -10.01 18.26 2.22
N ALA A 171 -9.02 17.74 2.93
CA ALA A 171 -7.70 17.47 2.35
C ALA A 171 -7.35 15.99 2.25
N LEU A 172 -8.33 15.11 2.45
CA LEU A 172 -8.07 13.67 2.30
C LEU A 172 -7.45 13.32 0.94
N PRO A 173 -7.91 13.95 -0.17
CA PRO A 173 -7.27 13.59 -1.45
C PRO A 173 -5.79 13.97 -1.52
N MET A 174 -5.38 14.97 -0.76
CA MET A 174 -3.98 15.38 -0.76
C MET A 174 -3.14 14.31 -0.02
N LEU A 175 -3.64 13.82 1.11
CA LEU A 175 -3.01 12.67 1.78
C LEU A 175 -3.02 11.42 0.93
N ALA A 176 -4.11 11.22 0.18
CA ALA A 176 -4.23 10.05 -0.68
C ALA A 176 -3.09 10.01 -1.71
N ARG A 177 -2.70 11.18 -2.22
CA ARG A 177 -1.58 11.24 -3.17
C ARG A 177 -0.28 10.83 -2.49
N LEU A 178 -0.08 11.27 -1.25
CA LEU A 178 1.12 10.85 -0.53
C LEU A 178 1.15 9.33 -0.35
N TYR A 179 0.04 8.74 0.07
CA TYR A 179 -0.04 7.30 0.21
C TYR A 179 0.22 6.58 -1.11
N TRP A 180 -0.45 7.03 -2.18
CA TRP A 180 -0.28 6.43 -3.49
C TRP A 180 1.18 6.41 -3.92
N TYR A 181 1.86 7.55 -3.77
CA TYR A 181 3.21 7.67 -4.31
C TYR A 181 4.31 7.15 -3.38
N THR A 182 3.92 6.64 -2.21
CA THR A 182 4.85 6.02 -1.27
C THR A 182 4.42 4.56 -1.02
N VAL A 183 3.43 4.37 -0.16
CA VAL A 183 3.00 3.05 0.23
C VAL A 183 2.58 2.16 -0.97
N GLU A 184 1.94 2.75 -1.98
CA GLU A 184 1.47 1.96 -3.11
C GLU A 184 2.50 1.86 -4.24
N PHE A 185 3.20 2.95 -4.56
CA PHE A 185 4.05 2.99 -5.77
C PHE A 185 5.46 3.54 -5.56
N GLY A 186 5.94 3.49 -4.31
CA GLY A 186 7.25 4.06 -4.00
C GLY A 186 8.45 3.21 -4.41
N LEU A 187 9.55 3.91 -4.73
CA LEU A 187 10.85 3.29 -4.99
C LEU A 187 11.83 3.77 -3.93
N ILE A 188 12.85 2.97 -3.66
CA ILE A 188 13.89 3.32 -2.70
C ILE A 188 15.24 3.10 -3.38
N ASN A 189 16.06 4.14 -3.38
CA ASN A 189 17.39 4.03 -3.97
C ASN A 189 18.34 3.40 -2.95
N THR A 190 19.28 2.60 -3.46
CA THR A 190 20.22 1.88 -2.63
C THR A 190 21.57 1.88 -3.36
N PRO A 191 22.66 1.64 -2.63
CA PRO A 191 23.96 1.58 -3.32
C PRO A 191 24.03 0.44 -4.36
N ALA A 192 23.16 -0.56 -4.22
CA ALA A 192 23.09 -1.70 -5.13
C ALA A 192 22.17 -1.43 -6.32
N GLY A 193 21.59 -0.23 -6.34
CA GLY A 193 20.65 0.17 -7.38
C GLY A 193 19.26 0.45 -6.85
N MET A 194 18.40 0.91 -7.74
CA MET A 194 17.04 1.26 -7.38
C MET A 194 16.25 0.01 -7.01
N ARG A 195 15.43 0.10 -5.96
CA ARG A 195 14.61 -1.01 -5.51
C ARG A 195 13.18 -0.53 -5.28
N ILE A 196 12.28 -1.48 -5.02
CA ILE A 196 10.85 -1.22 -4.93
C ILE A 196 10.35 -1.44 -3.52
N TYR A 197 9.52 -0.51 -3.03
CA TYR A 197 8.81 -0.78 -1.77
C TYR A 197 7.30 -0.62 -1.89
N GLY A 198 6.81 -0.07 -3.01
CA GLY A 198 5.37 0.13 -3.15
C GLY A 198 4.59 -1.17 -3.36
N ALA A 199 3.54 -1.36 -2.58
CA ALA A 199 2.75 -2.59 -2.61
C ALA A 199 2.09 -2.88 -3.97
N GLY A 200 1.64 -1.83 -4.65
CA GLY A 200 0.99 -1.97 -5.96
C GLY A 200 1.95 -2.47 -7.02
N ILE A 201 3.24 -2.18 -6.84
CA ILE A 201 4.27 -2.69 -7.74
C ILE A 201 4.65 -4.12 -7.33
N LEU A 202 4.78 -4.34 -6.02
CA LEU A 202 5.26 -5.63 -5.51
C LEU A 202 4.30 -6.78 -5.79
N SER A 203 3.00 -6.49 -5.92
CA SER A 203 2.05 -7.56 -6.24
C SER A 203 1.72 -7.66 -7.74
N SER A 204 2.33 -6.79 -8.56
CA SER A 204 2.04 -6.72 -10.00
C SER A 204 2.89 -7.67 -10.82
N LYS A 205 2.30 -8.19 -11.89
CA LYS A 205 2.96 -9.10 -12.81
C LYS A 205 4.09 -8.41 -13.57
N SER A 206 3.85 -7.17 -13.97
CA SER A 206 4.70 -6.51 -14.95
C SER A 206 5.22 -5.15 -14.53
N GLU A 207 4.57 -4.48 -13.57
CA GLU A 207 4.98 -3.12 -13.26
C GLU A 207 6.35 -3.09 -12.59
N SER A 208 6.70 -4.20 -11.93
CA SER A 208 8.02 -4.41 -11.32
C SER A 208 9.16 -4.31 -12.32
N ILE A 209 8.88 -4.75 -13.55
CA ILE A 209 9.84 -4.70 -14.64
C ILE A 209 9.94 -3.28 -15.17
N TYR A 210 8.79 -2.73 -15.60
CA TYR A 210 8.71 -1.38 -16.15
C TYR A 210 9.30 -0.33 -15.21
N CYS A 211 8.98 -0.40 -13.91
CA CYS A 211 9.35 0.68 -13.02
C CYS A 211 10.87 0.79 -12.80
N LEU A 212 11.58 -0.32 -13.01
CA LEU A 212 13.06 -0.33 -12.86
C LEU A 212 13.82 -0.35 -14.17
N ASP A 213 13.22 -0.95 -15.20
CA ASP A 213 13.92 -1.24 -16.45
C ASP A 213 13.62 -0.28 -17.61
N SER A 214 12.47 0.38 -17.57
CA SER A 214 12.03 1.20 -18.70
C SER A 214 12.56 2.62 -18.60
N ALA A 215 12.94 3.19 -19.74
CA ALA A 215 13.31 4.61 -19.85
C ALA A 215 12.08 5.51 -19.79
N SER A 216 10.90 4.92 -19.88
CA SER A 216 9.65 5.69 -20.03
C SER A 216 9.21 6.50 -18.79
N PRO A 217 9.14 5.85 -17.61
CA PRO A 217 8.63 6.64 -16.47
C PRO A 217 9.67 7.62 -15.92
N ASN A 218 9.21 8.72 -15.34
CA ASN A 218 10.06 9.58 -14.53
C ASN A 218 10.35 8.93 -13.18
N ARG A 219 11.57 9.11 -12.69
CA ARG A 219 11.92 8.76 -11.32
C ARG A 219 12.46 10.02 -10.68
N VAL A 220 11.74 10.50 -9.67
CA VAL A 220 11.95 11.82 -9.09
C VAL A 220 12.20 11.65 -7.58
N GLY A 221 13.16 12.40 -7.05
CA GLY A 221 13.39 12.39 -5.61
C GLY A 221 12.16 12.77 -4.80
N PHE A 222 11.93 12.04 -3.71
CA PHE A 222 10.84 12.33 -2.81
C PHE A 222 10.81 13.81 -2.37
N ASP A 223 9.62 14.41 -2.43
CA ASP A 223 9.41 15.79 -1.96
C ASP A 223 7.95 15.85 -1.55
N LEU A 224 7.70 16.10 -0.28
CA LEU A 224 6.34 16.02 0.27
C LEU A 224 5.32 16.93 -0.42
N MET A 225 5.65 18.21 -0.53
CA MET A 225 4.73 19.20 -1.12
C MET A 225 4.45 18.87 -2.57
N ARG A 226 5.50 18.51 -3.30
CA ARG A 226 5.36 18.16 -4.70
C ARG A 226 4.40 16.99 -4.85
N ILE A 227 4.60 15.93 -4.07
CA ILE A 227 3.77 14.73 -4.13
C ILE A 227 2.31 15.03 -3.81
N MET A 228 2.08 15.80 -2.76
CA MET A 228 0.70 16.12 -2.38
C MET A 228 0.01 17.03 -3.39
N ASN A 229 0.80 17.62 -4.30
CA ASN A 229 0.28 18.40 -5.43
C ASN A 229 0.25 17.62 -6.76
N THR A 230 0.40 16.29 -6.71
CA THR A 230 0.52 15.49 -7.94
C THR A 230 -0.64 14.53 -8.14
N ARG A 231 -1.32 14.65 -9.27
CA ARG A 231 -2.40 13.73 -9.59
C ARG A 231 -1.87 12.33 -9.87
N TYR A 232 -2.75 11.35 -9.75
CA TYR A 232 -2.43 9.98 -10.15
C TYR A 232 -3.61 9.34 -10.85
N ARG A 233 -3.33 8.29 -11.60
CA ARG A 233 -4.36 7.48 -12.26
C ARG A 233 -4.21 6.03 -11.83
N ILE A 234 -5.31 5.28 -11.80
CA ILE A 234 -5.31 3.94 -11.19
C ILE A 234 -5.31 2.79 -12.21
N ASP A 235 -5.60 3.12 -13.47
CA ASP A 235 -5.86 2.10 -14.49
C ASP A 235 -4.72 1.93 -15.50
N THR A 236 -3.51 2.30 -15.07
CA THR A 236 -2.35 2.34 -15.97
C THR A 236 -1.08 2.29 -15.11
N PHE A 237 0.07 1.90 -15.71
CA PHE A 237 1.35 2.01 -15.00
C PHE A 237 1.62 3.47 -14.68
N GLN A 238 2.32 3.72 -13.57
CA GLN A 238 2.62 5.09 -13.18
C GLN A 238 3.54 5.76 -14.19
N LYS A 239 3.26 7.03 -14.46
CA LYS A 239 4.11 7.84 -15.34
C LYS A 239 5.27 8.46 -14.54
N THR A 240 5.09 8.60 -13.22
CA THR A 240 6.13 9.12 -12.32
C THR A 240 6.21 8.24 -11.08
N TYR A 241 7.43 7.90 -10.69
CA TYR A 241 7.68 7.25 -9.41
C TYR A 241 8.55 8.16 -8.56
N PHE A 242 8.24 8.21 -7.27
CA PHE A 242 9.01 8.98 -6.31
C PHE A 242 9.95 8.09 -5.53
N VAL A 243 11.18 8.57 -5.37
CA VAL A 243 12.27 7.77 -4.84
C VAL A 243 12.73 8.32 -3.51
N ILE A 244 12.70 7.45 -2.49
CA ILE A 244 13.23 7.81 -1.19
C ILE A 244 14.63 7.24 -1.03
N ASP A 245 15.38 7.78 -0.06
CA ASP A 245 16.68 7.20 0.28
C ASP A 245 16.64 6.23 1.46
N SER A 246 15.56 6.28 2.23
CA SER A 246 15.40 5.50 3.46
C SER A 246 13.97 5.63 3.93
N PHE A 247 13.49 4.64 4.67
CA PHE A 247 12.15 4.75 5.29
C PHE A 247 12.09 5.89 6.31
N LYS A 248 13.24 6.23 6.90
CA LYS A 248 13.31 7.37 7.80
C LYS A 248 12.86 8.68 7.12
N GLN A 249 13.14 8.82 5.82
CA GLN A 249 12.70 9.99 5.07
C GLN A 249 11.18 10.11 5.08
N LEU A 250 10.48 8.99 4.96
CA LEU A 250 9.01 9.00 5.03
C LEU A 250 8.50 9.41 6.40
N PHE A 251 8.99 8.74 7.45
CA PHE A 251 8.56 9.09 8.80
C PHE A 251 8.86 10.55 9.10
N ASP A 252 10.07 11.02 8.78
CA ASP A 252 10.46 12.40 9.07
C ASP A 252 9.57 13.39 8.31
N ALA A 253 9.06 12.99 7.15
CA ALA A 253 8.19 13.86 6.35
C ALA A 253 6.87 14.17 7.06
N THR A 254 6.47 13.30 7.99
CA THR A 254 5.20 13.48 8.73
C THR A 254 5.33 14.40 9.95
N ALA A 255 6.54 14.86 10.24
CA ALA A 255 6.79 15.62 11.46
C ALA A 255 6.06 16.98 11.52
N PRO A 256 6.16 17.79 10.45
CA PRO A 256 5.55 19.12 10.57
C PRO A 256 4.01 19.17 10.44
N ASP A 257 3.47 20.35 10.72
CA ASP A 257 2.05 20.63 10.60
C ASP A 257 1.62 20.62 9.14
N PHE A 258 0.74 19.69 8.77
CA PHE A 258 0.28 19.63 7.38
C PHE A 258 -0.81 20.69 7.04
N ALA A 259 -1.44 21.28 8.06
CA ALA A 259 -2.56 22.22 7.81
C ALA A 259 -2.20 23.37 6.85
N PRO A 260 -1.09 24.10 7.10
CA PRO A 260 -0.78 25.17 6.15
C PRO A 260 -0.33 24.64 4.79
N LEU A 261 0.12 23.40 4.71
CA LEU A 261 0.47 22.80 3.43
C LEU A 261 -0.81 22.53 2.62
N TYR A 262 -1.82 21.94 3.27
CA TYR A 262 -3.12 21.71 2.62
C TYR A 262 -3.74 22.99 2.07
N LEU A 263 -3.72 24.06 2.87
CA LEU A 263 -4.35 25.30 2.42
C LEU A 263 -3.59 25.94 1.27
N GLN A 264 -2.27 25.81 1.27
CA GLN A 264 -1.51 26.29 0.12
C GLN A 264 -1.84 25.50 -1.15
N LEU A 265 -1.95 24.17 -1.00
CA LEU A 265 -2.22 23.29 -2.14
C LEU A 265 -3.61 23.48 -2.70
N ALA A 266 -4.54 23.84 -1.82
CA ALA A 266 -5.97 23.90 -2.15
C ALA A 266 -6.28 24.76 -3.39
N ASP A 267 -5.53 25.85 -3.56
CA ASP A 267 -5.75 26.77 -4.69
C ASP A 267 -4.69 26.68 -5.80
N ALA A 268 -3.82 25.68 -5.70
CA ALA A 268 -2.77 25.46 -6.69
C ALA A 268 -3.27 24.56 -7.82
N GLN A 269 -2.61 24.63 -8.97
CA GLN A 269 -2.89 23.67 -10.01
C GLN A 269 -1.99 22.46 -9.81
N PRO A 270 -2.59 21.27 -9.70
CA PRO A 270 -1.78 20.08 -9.47
C PRO A 270 -0.94 19.73 -10.69
N TRP A 271 0.22 19.11 -10.43
CA TRP A 271 1.02 18.52 -11.48
C TRP A 271 0.24 17.34 -12.06
N GLY A 272 0.31 17.18 -13.39
CA GLY A 272 -0.21 15.97 -14.04
C GLY A 272 0.62 14.76 -13.65
N ALA A 273 0.05 13.57 -13.82
CA ALA A 273 0.72 12.32 -13.47
C ALA A 273 2.05 12.11 -14.20
N GLY A 274 2.18 12.69 -15.40
CA GLY A 274 3.42 12.56 -16.18
C GLY A 274 4.33 13.77 -16.20
N ASP A 275 4.02 14.79 -15.39
CA ASP A 275 4.80 16.04 -15.39
C ASP A 275 6.11 15.92 -14.62
N ILE A 276 7.10 16.70 -15.06
CA ILE A 276 8.30 16.97 -14.27
C ILE A 276 8.20 18.41 -13.78
N ALA A 277 8.39 18.62 -12.48
CA ALA A 277 8.32 19.94 -11.89
C ALA A 277 9.70 20.61 -11.94
N PRO A 278 9.73 21.95 -12.08
CA PRO A 278 10.99 22.69 -12.20
C PRO A 278 12.04 22.37 -11.13
N ASP A 279 11.61 22.05 -9.91
CA ASP A 279 12.52 21.80 -8.80
C ASP A 279 12.83 20.32 -8.52
N ASP A 280 12.27 19.42 -9.35
CA ASP A 280 12.47 17.98 -9.18
C ASP A 280 13.94 17.60 -9.27
N LEU A 281 14.37 16.69 -8.38
CA LEU A 281 15.61 15.97 -8.56
C LEU A 281 15.27 14.75 -9.42
N VAL A 282 15.72 14.76 -10.67
CA VAL A 282 15.37 13.71 -11.62
C VAL A 282 16.48 12.66 -11.67
N LEU A 283 16.12 11.42 -11.36
CA LEU A 283 17.11 10.34 -11.22
C LEU A 283 17.18 9.44 -12.45
CO CO B . -2.70 -1.12 -1.98
#